data_1OZN
#
_entry.id   1OZN
#
_cell.length_a   32.206
_cell.length_b   33.915
_cell.length_c   60.221
_cell.angle_alpha   85.02
_cell.angle_beta   75.91
_cell.angle_gamma   67.96
#
_symmetry.space_group_name_H-M   'P 1'
#
loop_
_entity.id
_entity.type
_entity.pdbx_description
1 polymer 'Reticulon 4 receptor'
2 branched alpha-D-mannopyranose-(1-6)-alpha-D-mannopyranose-(1-4)-2-acetamido-2-deoxy-alpha-D-glucopyranose-(1-4)-2-acetamido-2-deoxy-beta-D-glucopyranose
3 branched beta-D-mannopyranose-(1-4)-2-acetamido-2-deoxy-alpha-D-glucopyranose-(1-4)-2-acetamido-2-deoxy-beta-D-glucopyranose
4 non-polymer 'ACETIC ACID'
5 water water
#
_entity_poly.entity_id   1
_entity_poly.type   'polypeptide(L)'
_entity_poly.pdbx_seq_one_letter_code
;PCPGACVCYNEPKVTTSCPQQGLQAVPVGIPAASQRIFLHGNRISHVPAASFRACRNLTILWLHSNVLARIDAAAFTGLA
LLEQLDLSDNAQLRSVDPATFHGLGRLHTLHLDRCGLQELGPGLFRGLAALQYLYLQDNALQALPDDTFRDLGNLTHLFL
HGNRISSVPERAFRGLHSLDRLLLHQNRVAHVHPHAFRDLGRLMTLYLFANNLSALPTEALAPLRALQYLRLNDNPWVCD
CRARPLWAWLQKFRGSSSEVPCSLPQRLAGRDLKRLAANDLQGCA
;
_entity_poly.pdbx_strand_id   A
#
loop_
_chem_comp.id
_chem_comp.type
_chem_comp.name
_chem_comp.formula
ACY non-polymer 'ACETIC ACID' 'C2 H4 O2'
BMA D-saccharide, beta linking beta-D-mannopyranose 'C6 H12 O6'
MAN D-saccharide, alpha linking alpha-D-mannopyranose 'C6 H12 O6'
NAG D-saccharide, beta linking 2-acetamido-2-deoxy-beta-D-glucopyranose 'C8 H15 N O6'
NDG D-saccharide, alpha linking 2-acetamido-2-deoxy-alpha-D-glucopyranose 'C8 H15 N O6'
#
# COMPACT_ATOMS: atom_id res chain seq x y z
N PRO A 1 -11.07 26.33 -25.95
CA PRO A 1 -12.40 25.80 -25.60
C PRO A 1 -12.27 24.46 -24.88
N CYS A 2 -13.41 23.83 -24.62
CA CYS A 2 -13.44 22.56 -23.91
C CYS A 2 -13.53 21.38 -24.87
N PRO A 3 -12.66 20.38 -24.71
CA PRO A 3 -12.75 19.24 -25.65
C PRO A 3 -14.07 18.48 -25.64
N GLY A 4 -14.37 17.81 -26.75
CA GLY A 4 -15.61 17.08 -26.83
C GLY A 4 -15.70 15.99 -25.79
N ALA A 5 -16.89 15.82 -25.22
CA ALA A 5 -17.16 14.82 -24.21
C ALA A 5 -16.75 15.32 -22.82
N CYS A 6 -16.14 16.50 -22.77
CA CYS A 6 -15.73 17.07 -21.50
C CYS A 6 -16.55 18.28 -21.12
N VAL A 7 -16.55 18.60 -19.84
CA VAL A 7 -17.22 19.79 -19.36
C VAL A 7 -16.11 20.49 -18.58
N CYS A 8 -16.00 21.79 -18.79
CA CYS A 8 -14.95 22.58 -18.16
C CYS A 8 -15.54 23.71 -17.33
N TYR A 9 -14.93 23.98 -16.19
CA TYR A 9 -15.38 25.10 -15.37
C TYR A 9 -14.14 25.68 -14.69
N ASN A 10 -14.21 26.95 -14.30
CA ASN A 10 -13.04 27.60 -13.74
C ASN A 10 -12.91 27.70 -12.24
N GLU A 11 -14.02 27.68 -11.54
CA GLU A 11 -14.01 27.85 -10.08
C GLU A 11 -14.73 26.70 -9.40
N PRO A 12 -14.32 26.35 -8.17
CA PRO A 12 -13.24 26.98 -7.40
C PRO A 12 -11.83 26.58 -7.84
N LYS A 13 -11.72 25.48 -8.57
CA LYS A 13 -10.45 25.01 -9.12
C LYS A 13 -10.73 24.77 -10.62
N VAL A 14 -9.78 25.10 -11.50
CA VAL A 14 -10.01 24.89 -12.92
C VAL A 14 -10.12 23.40 -13.14
N THR A 15 -11.25 22.97 -13.67
CA THR A 15 -11.54 21.55 -13.84
C THR A 15 -11.92 21.14 -15.24
N THR A 16 -11.35 20.03 -15.71
CA THR A 16 -11.73 19.47 -17.00
C THR A 16 -12.24 18.09 -16.64
N SER A 17 -13.54 17.92 -16.81
CA SER A 17 -14.19 16.67 -16.44
C SER A 17 -14.74 15.90 -17.63
N CYS A 18 -14.21 14.70 -17.85
CA CYS A 18 -14.65 13.86 -18.96
C CYS A 18 -14.80 12.39 -18.52
N PRO A 19 -15.42 12.15 -17.35
CA PRO A 19 -15.55 10.77 -16.92
C PRO A 19 -16.71 9.98 -17.48
N GLN A 20 -16.59 8.66 -17.37
CA GLN A 20 -17.65 7.74 -17.75
C GLN A 20 -18.26 8.00 -19.11
N GLN A 21 -17.43 8.30 -20.11
CA GLN A 21 -17.93 8.59 -21.45
C GLN A 21 -17.62 7.45 -22.40
N GLY A 22 -16.73 6.56 -21.99
CA GLY A 22 -16.34 5.45 -22.86
C GLY A 22 -15.19 5.83 -23.78
N LEU A 23 -14.49 6.91 -23.45
CA LEU A 23 -13.37 7.39 -24.25
C LEU A 23 -12.20 6.42 -24.29
N GLN A 24 -11.50 6.37 -25.41
CA GLN A 24 -10.35 5.50 -25.55
C GLN A 24 -9.06 6.26 -25.48
N ALA A 25 -9.16 7.56 -25.72
CA ALA A 25 -7.97 8.38 -25.68
C ALA A 25 -8.15 9.57 -24.78
N VAL A 26 -7.03 10.11 -24.34
CA VAL A 26 -7.05 11.28 -23.50
C VAL A 26 -7.52 12.39 -24.44
N PRO A 27 -8.55 13.14 -24.06
CA PRO A 27 -9.01 14.19 -24.96
C PRO A 27 -7.85 15.12 -25.35
N VAL A 28 -7.83 15.56 -26.61
CA VAL A 28 -6.77 16.46 -27.06
C VAL A 28 -7.24 17.88 -26.72
N GLY A 29 -6.31 18.75 -26.33
CA GLY A 29 -6.72 20.11 -26.03
C GLY A 29 -7.24 20.38 -24.63
N ILE A 30 -6.93 19.50 -23.68
CA ILE A 30 -7.36 19.75 -22.30
C ILE A 30 -6.74 21.09 -21.91
N PRO A 31 -7.55 22.02 -21.39
CA PRO A 31 -7.09 23.34 -20.97
C PRO A 31 -5.79 23.26 -20.16
N ALA A 32 -4.79 24.03 -20.57
CA ALA A 32 -3.52 24.03 -19.87
C ALA A 32 -3.62 24.51 -18.42
N ALA A 33 -4.64 25.30 -18.11
CA ALA A 33 -4.85 25.83 -16.76
C ALA A 33 -5.48 24.81 -15.81
N SER A 34 -5.85 23.63 -16.32
CA SER A 34 -6.49 22.62 -15.49
C SER A 34 -5.76 22.27 -14.21
N GLN A 35 -6.49 22.34 -13.10
CA GLN A 35 -5.96 21.96 -11.78
C GLN A 35 -6.48 20.56 -11.43
N ARG A 36 -7.60 20.18 -12.04
CA ARG A 36 -8.19 18.89 -11.81
C ARG A 36 -8.62 18.30 -13.15
N ILE A 37 -8.27 17.03 -13.38
CA ILE A 37 -8.68 16.35 -14.60
C ILE A 37 -9.32 15.03 -14.20
N PHE A 38 -10.57 14.84 -14.60
CA PHE A 38 -11.29 13.61 -14.27
C PHE A 38 -11.54 12.79 -15.52
N LEU A 39 -10.82 11.67 -15.64
CA LEU A 39 -10.96 10.80 -16.80
C LEU A 39 -11.28 9.38 -16.37
N HIS A 40 -11.79 9.25 -15.15
CA HIS A 40 -12.11 7.91 -14.68
C HIS A 40 -13.32 7.29 -15.37
N GLY A 41 -13.38 5.96 -15.36
CA GLY A 41 -14.51 5.27 -15.94
C GLY A 41 -14.64 5.29 -17.45
N ASN A 42 -13.53 5.43 -18.14
CA ASN A 42 -13.53 5.42 -19.60
C ASN A 42 -12.90 4.10 -20.05
N ARG A 43 -12.47 4.02 -21.30
CA ARG A 43 -11.84 2.81 -21.81
C ARG A 43 -10.45 3.13 -22.35
N ILE A 44 -9.70 3.95 -21.62
CA ILE A 44 -8.35 4.32 -22.03
C ILE A 44 -7.43 3.13 -21.74
N SER A 45 -6.61 2.73 -22.70
CA SER A 45 -5.73 1.59 -22.47
C SER A 45 -4.25 1.98 -22.44
N HIS A 46 -3.94 3.19 -22.91
CA HIS A 46 -2.56 3.65 -22.96
C HIS A 46 -2.46 5.13 -22.61
N VAL A 47 -1.46 5.49 -21.82
CA VAL A 47 -1.26 6.89 -21.48
C VAL A 47 0.09 7.26 -22.10
N PRO A 48 0.06 7.99 -23.24
CA PRO A 48 1.29 8.40 -23.93
C PRO A 48 2.15 9.39 -23.14
N ALA A 49 3.41 9.51 -23.53
CA ALA A 49 4.33 10.42 -22.87
C ALA A 49 3.81 11.84 -22.95
N ALA A 50 4.05 12.61 -21.89
CA ALA A 50 3.65 14.01 -21.84
C ALA A 50 2.18 14.27 -22.14
N SER A 51 1.32 13.31 -21.80
CA SER A 51 -0.12 13.45 -22.04
C SER A 51 -0.74 14.68 -21.35
N PHE A 52 -0.10 15.16 -20.29
CA PHE A 52 -0.63 16.28 -19.50
C PHE A 52 0.41 17.35 -19.24
N ARG A 53 1.50 17.34 -20.00
CA ARG A 53 2.62 18.26 -19.81
C ARG A 53 2.30 19.74 -19.73
N ALA A 54 1.31 20.20 -20.49
CA ALA A 54 0.97 21.62 -20.45
C ALA A 54 0.29 22.06 -19.15
N CYS A 55 -0.33 21.11 -18.46
CA CYS A 55 -1.08 21.41 -17.24
C CYS A 55 -0.19 21.47 -16.02
N ARG A 56 0.68 22.48 -15.99
CA ARG A 56 1.64 22.59 -14.90
C ARG A 56 1.04 22.75 -13.50
N ASN A 57 -0.19 23.25 -13.39
CA ASN A 57 -0.81 23.43 -12.08
C ASN A 57 -1.74 22.28 -11.71
N LEU A 58 -1.66 21.18 -12.46
CA LEU A 58 -2.52 20.02 -12.18
C LEU A 58 -2.21 19.43 -10.81
N THR A 59 -3.22 19.33 -9.95
CA THR A 59 -3.01 18.74 -8.63
C THR A 59 -3.79 17.46 -8.43
N ILE A 60 -4.87 17.26 -9.20
CA ILE A 60 -5.65 16.04 -9.06
C ILE A 60 -5.86 15.41 -10.43
N LEU A 61 -5.46 14.14 -10.56
CA LEU A 61 -5.66 13.43 -11.81
C LEU A 61 -6.28 12.07 -11.55
N TRP A 62 -7.48 11.86 -12.08
CA TRP A 62 -8.17 10.59 -11.91
C TRP A 62 -8.23 9.83 -13.21
N LEU A 63 -7.64 8.64 -13.18
CA LEU A 63 -7.60 7.75 -14.34
C LEU A 63 -8.05 6.36 -13.90
N HIS A 64 -8.73 6.28 -12.77
CA HIS A 64 -9.17 4.97 -12.30
C HIS A 64 -10.31 4.40 -13.12
N SER A 65 -10.50 3.08 -13.02
CA SER A 65 -11.56 2.41 -13.74
C SER A 65 -11.53 2.61 -15.25
N ASN A 66 -10.34 2.43 -15.83
CA ASN A 66 -10.18 2.49 -17.29
C ASN A 66 -9.75 1.07 -17.64
N VAL A 67 -9.00 0.89 -18.71
CA VAL A 67 -8.50 -0.44 -19.05
C VAL A 67 -7.03 -0.29 -19.38
N LEU A 68 -6.34 0.51 -18.54
CA LEU A 68 -4.93 0.77 -18.74
C LEU A 68 -4.11 -0.49 -18.79
N ALA A 69 -3.33 -0.60 -19.85
CA ALA A 69 -2.43 -1.73 -20.07
C ALA A 69 -0.99 -1.22 -20.08
N ARG A 70 -0.82 0.03 -20.46
CA ARG A 70 0.51 0.60 -20.51
C ARG A 70 0.52 2.10 -20.22
N ILE A 71 1.42 2.51 -19.35
CA ILE A 71 1.58 3.91 -19.02
C ILE A 71 2.99 4.28 -19.45
N ASP A 72 3.13 5.22 -20.38
CA ASP A 72 4.46 5.61 -20.79
C ASP A 72 5.29 6.08 -19.59
N ALA A 73 6.58 5.75 -19.60
CA ALA A 73 7.46 6.16 -18.50
C ALA A 73 7.44 7.67 -18.28
N ALA A 74 7.16 8.43 -19.33
CA ALA A 74 7.13 9.89 -19.23
C ALA A 74 5.71 10.47 -19.28
N ALA A 75 4.72 9.62 -18.99
CA ALA A 75 3.31 10.00 -18.99
C ALA A 75 2.97 11.20 -18.11
N PHE A 76 3.66 11.31 -16.97
CA PHE A 76 3.39 12.38 -16.01
C PHE A 76 4.45 13.47 -15.96
N THR A 77 5.21 13.60 -17.05
CA THR A 77 6.23 14.63 -17.11
C THR A 77 5.56 16.01 -17.09
N GLY A 78 6.15 16.91 -16.32
CA GLY A 78 5.62 18.26 -16.21
C GLY A 78 4.65 18.48 -15.06
N LEU A 79 4.29 17.40 -14.36
CA LEU A 79 3.34 17.48 -13.26
C LEU A 79 3.97 17.58 -11.87
N ALA A 80 4.87 18.53 -11.69
CA ALA A 80 5.54 18.69 -10.40
C ALA A 80 4.67 19.08 -9.22
N LEU A 81 3.49 19.64 -9.48
CA LEU A 81 2.59 20.03 -8.43
C LEU A 81 1.49 19.01 -8.17
N LEU A 82 1.56 17.85 -8.85
CA LEU A 82 0.50 16.83 -8.69
C LEU A 82 0.42 16.35 -7.25
N GLU A 83 -0.79 16.33 -6.69
CA GLU A 83 -0.95 15.92 -5.30
C GLU A 83 -1.71 14.61 -5.15
N GLN A 84 -2.61 14.32 -6.08
CA GLN A 84 -3.43 13.10 -5.98
C GLN A 84 -3.49 12.48 -7.34
N LEU A 85 -3.13 11.20 -7.41
CA LEU A 85 -3.11 10.44 -8.64
C LEU A 85 -3.81 9.13 -8.38
N ASP A 86 -4.93 8.92 -9.05
CA ASP A 86 -5.67 7.70 -8.84
C ASP A 86 -5.63 6.87 -10.12
N LEU A 87 -4.90 5.76 -10.06
CA LEU A 87 -4.78 4.81 -11.16
C LEU A 87 -5.43 3.47 -10.83
N SER A 88 -6.25 3.44 -9.79
CA SER A 88 -6.86 2.20 -9.34
C SER A 88 -7.86 1.58 -10.29
N ASP A 89 -8.15 0.31 -10.06
CA ASP A 89 -9.13 -0.40 -10.87
C ASP A 89 -8.82 -0.44 -12.37
N ASN A 90 -7.56 -0.73 -12.67
CA ASN A 90 -7.10 -0.94 -14.04
C ASN A 90 -6.42 -2.30 -13.87
N ALA A 91 -7.25 -3.33 -13.75
CA ALA A 91 -6.75 -4.67 -13.48
C ALA A 91 -5.76 -5.31 -14.41
N GLN A 92 -5.69 -4.85 -15.66
CA GLN A 92 -4.72 -5.45 -16.57
C GLN A 92 -3.45 -4.62 -16.71
N LEU A 93 -3.26 -3.59 -15.87
CA LEU A 93 -2.06 -2.77 -15.97
C LEU A 93 -0.81 -3.66 -15.77
N ARG A 94 -0.84 -4.49 -14.73
CA ARG A 94 0.20 -5.44 -14.38
C ARG A 94 1.58 -4.92 -14.01
N SER A 95 2.07 -3.90 -14.70
CA SER A 95 3.37 -3.38 -14.37
C SER A 95 3.48 -1.90 -14.68
N VAL A 96 4.26 -1.22 -13.88
CA VAL A 96 4.50 0.21 -14.04
C VAL A 96 6.00 0.41 -14.18
N ASP A 97 6.40 1.04 -15.27
CA ASP A 97 7.83 1.29 -15.47
C ASP A 97 8.33 2.03 -14.22
N PRO A 98 9.45 1.59 -13.65
CA PRO A 98 9.99 2.23 -12.45
C PRO A 98 10.30 3.72 -12.46
N ALA A 99 10.34 4.35 -13.63
CA ALA A 99 10.62 5.79 -13.70
C ALA A 99 9.33 6.62 -13.79
N THR A 100 8.19 5.95 -13.86
CA THR A 100 6.91 6.63 -14.03
C THR A 100 6.54 7.74 -13.05
N PHE A 101 6.92 7.60 -11.79
CA PHE A 101 6.56 8.62 -10.80
C PHE A 101 7.69 9.54 -10.40
N HIS A 102 8.83 9.41 -11.06
CA HIS A 102 9.95 10.25 -10.70
C HIS A 102 9.57 11.69 -10.93
N GLY A 103 9.94 12.56 -9.99
CA GLY A 103 9.66 13.97 -10.12
C GLY A 103 8.36 14.44 -9.51
N LEU A 104 7.53 13.51 -9.06
CA LEU A 104 6.24 13.92 -8.45
C LEU A 104 6.47 14.21 -6.96
N GLY A 105 7.24 15.26 -6.72
CA GLY A 105 7.62 15.65 -5.37
C GLY A 105 6.57 16.23 -4.46
N ARG A 106 5.39 16.53 -5.02
CA ARG A 106 4.31 17.05 -4.21
C ARG A 106 3.22 16.01 -4.04
N LEU A 107 3.41 14.82 -4.61
CA LEU A 107 2.37 13.79 -4.56
C LEU A 107 2.08 13.35 -3.13
N HIS A 108 0.80 13.45 -2.74
CA HIS A 108 0.36 13.08 -1.40
C HIS A 108 -0.40 11.77 -1.36
N THR A 109 -1.16 11.49 -2.41
CA THR A 109 -1.92 10.25 -2.45
C THR A 109 -1.72 9.57 -3.78
N LEU A 110 -1.45 8.27 -3.73
CA LEU A 110 -1.22 7.47 -4.93
C LEU A 110 -2.05 6.20 -4.82
N HIS A 111 -3.06 6.09 -5.68
CA HIS A 111 -3.90 4.89 -5.68
C HIS A 111 -3.48 3.94 -6.78
N LEU A 112 -3.02 2.75 -6.41
CA LEU A 112 -2.59 1.71 -7.36
C LEU A 112 -3.26 0.40 -7.02
N ASP A 113 -4.38 0.49 -6.30
CA ASP A 113 -5.06 -0.75 -5.90
C ASP A 113 -5.83 -1.35 -7.07
N ARG A 114 -5.95 -2.66 -7.07
CA ARG A 114 -6.64 -3.36 -8.15
C ARG A 114 -6.09 -3.05 -9.55
N CYS A 115 -4.77 -3.12 -9.70
CA CYS A 115 -4.09 -2.87 -10.97
C CYS A 115 -3.32 -4.10 -11.47
N GLY A 116 -3.59 -5.25 -10.86
CA GLY A 116 -2.91 -6.48 -11.24
C GLY A 116 -1.39 -6.40 -11.11
N LEU A 117 -0.90 -5.46 -10.30
CA LEU A 117 0.54 -5.25 -10.19
C LEU A 117 1.29 -6.48 -9.73
N GLN A 118 2.30 -6.87 -10.48
CA GLN A 118 3.07 -8.06 -10.14
C GLN A 118 4.35 -7.81 -9.39
N GLU A 119 4.88 -6.60 -9.48
CA GLU A 119 6.09 -6.32 -8.75
C GLU A 119 6.25 -4.83 -8.52
N LEU A 120 7.11 -4.50 -7.56
CA LEU A 120 7.41 -3.10 -7.26
C LEU A 120 8.87 -2.96 -7.70
N GLY A 121 9.06 -2.42 -8.91
CA GLY A 121 10.37 -2.28 -9.49
C GLY A 121 11.37 -1.37 -8.80
N PRO A 122 12.65 -1.43 -9.17
CA PRO A 122 13.72 -0.62 -8.59
C PRO A 122 13.48 0.87 -8.77
N GLY A 123 13.33 1.59 -7.66
CA GLY A 123 13.10 3.02 -7.69
C GLY A 123 11.68 3.46 -8.01
N LEU A 124 10.72 2.54 -8.03
CA LEU A 124 9.33 2.91 -8.33
C LEU A 124 8.83 4.08 -7.49
N PHE A 125 9.14 4.10 -6.19
CA PHE A 125 8.69 5.17 -5.32
C PHE A 125 9.82 6.09 -4.86
N ARG A 126 10.87 6.15 -5.65
CA ARG A 126 12.00 6.99 -5.28
C ARG A 126 11.62 8.46 -5.31
N GLY A 127 12.11 9.21 -4.31
CA GLY A 127 11.87 10.65 -4.26
C GLY A 127 10.48 11.16 -3.97
N LEU A 128 9.53 10.26 -3.65
CA LEU A 128 8.16 10.73 -3.35
C LEU A 128 8.05 11.12 -1.90
N ALA A 129 8.83 12.14 -1.54
CA ALA A 129 8.95 12.60 -0.18
C ALA A 129 7.71 13.19 0.46
N ALA A 130 6.73 13.57 -0.34
CA ALA A 130 5.54 14.14 0.23
C ALA A 130 4.41 13.12 0.36
N LEU A 131 4.62 11.91 -0.15
CA LEU A 131 3.56 10.90 -0.14
C LEU A 131 3.06 10.54 1.25
N GLN A 132 1.75 10.56 1.43
CA GLN A 132 1.15 10.23 2.72
C GLN A 132 0.33 8.96 2.66
N TYR A 133 -0.34 8.72 1.53
CA TYR A 133 -1.17 7.54 1.38
C TYR A 133 -0.76 6.76 0.14
N LEU A 134 -0.46 5.47 0.31
CA LEU A 134 -0.08 4.61 -0.81
C LEU A 134 -0.96 3.37 -0.76
N TYR A 135 -1.81 3.23 -1.77
CA TYR A 135 -2.76 2.12 -1.85
C TYR A 135 -2.28 1.10 -2.84
N LEU A 136 -1.90 -0.08 -2.34
CA LEU A 136 -1.40 -1.15 -3.18
C LEU A 136 -2.15 -2.45 -2.93
N GLN A 137 -3.32 -2.33 -2.32
CA GLN A 137 -4.07 -3.53 -2.00
C GLN A 137 -4.70 -4.18 -3.21
N ASP A 138 -5.04 -5.44 -3.06
CA ASP A 138 -5.73 -6.19 -4.12
C ASP A 138 -5.03 -6.18 -5.46
N ASN A 139 -3.73 -6.45 -5.43
CA ASN A 139 -2.91 -6.55 -6.63
C ASN A 139 -2.41 -7.99 -6.75
N ALA A 140 -1.25 -8.20 -7.37
CA ALA A 140 -0.69 -9.54 -7.54
C ALA A 140 0.73 -9.57 -7.00
N LEU A 141 1.01 -8.73 -6.00
CA LEU A 141 2.35 -8.65 -5.44
C LEU A 141 2.69 -9.90 -4.67
N GLN A 142 3.92 -10.36 -4.82
CA GLN A 142 4.33 -11.57 -4.11
C GLN A 142 5.58 -11.36 -3.29
N ALA A 143 6.23 -10.21 -3.46
CA ALA A 143 7.44 -9.92 -2.69
C ALA A 143 7.58 -8.44 -2.44
N LEU A 144 8.28 -8.10 -1.35
CA LEU A 144 8.59 -6.72 -0.98
C LEU A 144 10.09 -6.52 -1.05
N PRO A 145 10.59 -5.84 -2.10
CA PRO A 145 12.05 -5.65 -2.19
C PRO A 145 12.64 -4.73 -1.13
N ASP A 146 13.94 -4.87 -0.89
CA ASP A 146 14.58 -4.03 0.10
C ASP A 146 14.45 -2.55 -0.25
N ASP A 147 14.17 -1.73 0.76
CA ASP A 147 14.13 -0.28 0.61
C ASP A 147 13.14 0.32 -0.39
N THR A 148 12.12 -0.45 -0.76
CA THR A 148 11.12 0.00 -1.73
C THR A 148 10.44 1.30 -1.32
N PHE A 149 10.27 1.48 -0.01
CA PHE A 149 9.57 2.63 0.53
C PHE A 149 10.50 3.55 1.31
N ARG A 150 11.82 3.43 1.11
CA ARG A 150 12.73 4.21 1.94
C ARG A 150 12.71 5.71 1.84
N ASP A 151 12.27 6.25 0.70
CA ASP A 151 12.20 7.69 0.58
C ASP A 151 10.86 8.25 1.06
N LEU A 152 9.95 7.37 1.47
CA LEU A 152 8.61 7.83 1.87
C LEU A 152 8.55 8.18 3.34
N GLY A 153 9.35 9.17 3.70
CA GLY A 153 9.45 9.60 5.07
C GLY A 153 8.23 10.22 5.72
N ASN A 154 7.28 10.64 4.88
CA ASN A 154 6.02 11.24 5.35
C ASN A 154 4.83 10.33 5.17
N LEU A 155 5.06 9.08 4.73
CA LEU A 155 3.94 8.16 4.51
C LEU A 155 3.29 7.75 5.81
N THR A 156 1.96 7.87 5.88
CA THR A 156 1.26 7.48 7.10
C THR A 156 0.40 6.24 6.89
N HIS A 157 -0.03 5.96 5.65
CA HIS A 157 -0.86 4.80 5.40
C HIS A 157 -0.31 3.98 4.25
N LEU A 158 -0.07 2.70 4.50
CA LEU A 158 0.43 1.79 3.47
C LEU A 158 -0.46 0.56 3.48
N PHE A 159 -1.21 0.40 2.39
CA PHE A 159 -2.14 -0.72 2.26
C PHE A 159 -1.61 -1.76 1.29
N LEU A 160 -1.34 -2.96 1.82
CA LEU A 160 -0.80 -4.05 1.01
C LEU A 160 -1.63 -5.32 1.16
N HIS A 161 -2.85 -5.18 1.68
CA HIS A 161 -3.67 -6.36 1.86
C HIS A 161 -4.20 -6.93 0.56
N GLY A 162 -4.54 -8.22 0.59
CA GLY A 162 -5.08 -8.80 -0.64
C GLY A 162 -4.08 -9.06 -1.74
N ASN A 163 -2.84 -9.38 -1.38
CA ASN A 163 -1.82 -9.71 -2.36
C ASN A 163 -1.38 -11.14 -2.05
N ARG A 164 -0.24 -11.55 -2.59
CA ARG A 164 0.25 -12.91 -2.36
C ARG A 164 1.65 -12.87 -1.74
N ILE A 165 1.89 -11.88 -0.89
CA ILE A 165 3.19 -11.73 -0.24
C ILE A 165 3.42 -12.88 0.73
N SER A 166 4.58 -13.53 0.65
CA SER A 166 4.81 -14.68 1.54
C SER A 166 5.87 -14.47 2.61
N SER A 167 6.58 -13.34 2.55
CA SER A 167 7.62 -13.07 3.55
C SER A 167 7.76 -11.57 3.73
N VAL A 168 8.16 -11.14 4.93
CA VAL A 168 8.43 -9.72 5.18
C VAL A 168 9.91 -9.71 5.54
N PRO A 169 10.77 -9.33 4.58
CA PRO A 169 12.21 -9.27 4.78
C PRO A 169 12.66 -8.15 5.68
N GLU A 170 13.90 -8.23 6.14
CA GLU A 170 14.42 -7.21 7.02
C GLU A 170 14.27 -5.76 6.53
N ARG A 171 14.57 -5.53 5.25
CA ARG A 171 14.55 -4.16 4.77
C ARG A 171 13.33 -3.70 4.02
N ALA A 172 12.27 -4.49 4.07
CA ALA A 172 11.06 -4.13 3.33
C ALA A 172 10.50 -2.76 3.70
N PHE A 173 10.48 -2.47 4.99
CA PHE A 173 9.86 -1.23 5.46
C PHE A 173 10.81 -0.16 5.99
N ARG A 174 12.06 -0.21 5.54
CA ARG A 174 13.02 0.79 5.96
C ARG A 174 12.58 2.17 5.52
N GLY A 175 12.78 3.14 6.40
CA GLY A 175 12.49 4.53 6.11
C GLY A 175 11.09 5.04 6.39
N LEU A 176 10.18 4.15 6.79
CA LEU A 176 8.78 4.55 7.00
C LEU A 176 8.54 5.09 8.41
N HIS A 177 9.28 6.14 8.76
CA HIS A 177 9.19 6.70 10.09
C HIS A 177 7.89 7.34 10.49
N SER A 178 7.08 7.75 9.52
CA SER A 178 5.81 8.41 9.86
C SER A 178 4.65 7.44 9.74
N LEU A 179 4.94 6.19 9.39
CA LEU A 179 3.83 5.27 9.15
C LEU A 179 2.97 5.05 10.37
N ASP A 180 1.66 5.19 10.17
CA ASP A 180 0.66 5.04 11.22
C ASP A 180 -0.13 3.73 11.06
N ARG A 181 -0.48 3.38 9.83
CA ARG A 181 -1.24 2.16 9.57
C ARG A 181 -0.58 1.32 8.48
N LEU A 182 -0.31 0.06 8.80
CA LEU A 182 0.29 -0.90 7.88
C LEU A 182 -0.67 -2.09 7.79
N LEU A 183 -1.28 -2.24 6.61
CA LEU A 183 -2.23 -3.32 6.43
C LEU A 183 -1.62 -4.39 5.55
N LEU A 184 -1.42 -5.57 6.15
CA LEU A 184 -0.80 -6.71 5.47
C LEU A 184 -1.68 -7.95 5.55
N HIS A 185 -2.95 -7.77 5.91
CA HIS A 185 -3.81 -8.92 6.03
C HIS A 185 -4.18 -9.53 4.69
N GLN A 186 -4.70 -10.76 4.71
CA GLN A 186 -5.07 -11.46 3.48
C GLN A 186 -3.94 -11.53 2.49
N ASN A 187 -2.80 -12.04 2.95
CA ASN A 187 -1.66 -12.30 2.09
C ASN A 187 -1.29 -13.77 2.35
N ARG A 188 -0.04 -14.14 2.11
CA ARG A 188 0.38 -15.54 2.34
C ARG A 188 1.63 -15.49 3.23
N VAL A 189 1.66 -14.52 4.15
CA VAL A 189 2.86 -14.34 4.98
C VAL A 189 3.18 -15.51 5.90
N ALA A 190 4.36 -16.14 5.68
CA ALA A 190 4.75 -17.28 6.50
C ALA A 190 5.92 -16.96 7.41
N HIS A 191 6.59 -15.85 7.13
CA HIS A 191 7.75 -15.45 7.90
C HIS A 191 7.92 -13.95 7.95
N VAL A 192 8.27 -13.44 9.14
CA VAL A 192 8.53 -12.03 9.37
C VAL A 192 9.95 -11.96 9.94
N HIS A 193 10.84 -11.21 9.29
CA HIS A 193 12.21 -11.07 9.76
C HIS A 193 12.23 -10.38 11.12
N PRO A 194 13.14 -10.76 12.01
CA PRO A 194 13.23 -10.16 13.35
C PRO A 194 13.35 -8.64 13.39
N HIS A 195 13.86 -8.04 12.32
CA HIS A 195 13.98 -6.59 12.27
C HIS A 195 13.13 -5.95 11.19
N ALA A 196 12.07 -6.64 10.79
CA ALA A 196 11.18 -6.19 9.71
C ALA A 196 10.50 -4.85 9.92
N PHE A 197 10.37 -4.45 11.18
CA PHE A 197 9.67 -3.22 11.49
C PHE A 197 10.54 -2.25 12.25
N ARG A 198 11.86 -2.35 12.06
CA ARG A 198 12.79 -1.50 12.80
C ARG A 198 12.49 -0.01 12.80
N ASP A 199 12.10 0.51 11.65
CA ASP A 199 11.86 1.94 11.52
C ASP A 199 10.44 2.42 11.79
N LEU A 200 9.55 1.52 12.19
CA LEU A 200 8.15 1.89 12.36
C LEU A 200 7.80 2.38 13.77
N GLY A 201 8.54 3.37 14.24
CA GLY A 201 8.36 3.88 15.58
C GLY A 201 7.09 4.64 15.85
N ARG A 202 6.36 5.02 14.81
CA ARG A 202 5.11 5.73 15.01
C ARG A 202 3.92 4.88 14.62
N LEU A 203 4.17 3.62 14.26
CA LEU A 203 3.08 2.75 13.84
C LEU A 203 2.06 2.52 14.95
N MET A 204 0.79 2.76 14.65
CA MET A 204 -0.27 2.55 15.63
C MET A 204 -1.15 1.36 15.29
N THR A 205 -1.24 1.01 14.01
CA THR A 205 -2.09 -0.10 13.57
C THR A 205 -1.32 -1.07 12.68
N LEU A 206 -1.32 -2.35 13.06
CA LEU A 206 -0.66 -3.39 12.26
C LEU A 206 -1.62 -4.54 12.07
N TYR A 207 -2.04 -4.80 10.83
CA TYR A 207 -2.92 -5.93 10.57
C TYR A 207 -2.15 -7.03 9.85
N LEU A 208 -2.12 -8.21 10.47
CA LEU A 208 -1.44 -9.38 9.90
C LEU A 208 -2.36 -10.59 9.87
N PHE A 209 -3.65 -10.34 10.05
CA PHE A 209 -4.58 -11.44 10.05
C PHE A 209 -4.76 -12.04 8.67
N ALA A 210 -5.23 -13.30 8.65
CA ALA A 210 -5.46 -14.02 7.40
C ALA A 210 -4.17 -14.13 6.62
N ASN A 211 -3.20 -14.79 7.26
CA ASN A 211 -1.90 -15.04 6.65
C ASN A 211 -1.50 -16.47 7.00
N ASN A 212 -0.21 -16.84 6.85
CA ASN A 212 0.20 -18.22 7.06
C ASN A 212 1.27 -18.33 8.12
N LEU A 213 1.14 -17.51 9.17
CA LEU A 213 2.14 -17.49 10.23
C LEU A 213 1.94 -18.56 11.27
N SER A 214 3.00 -19.32 11.58
CA SER A 214 2.89 -20.28 12.67
C SER A 214 3.67 -19.75 13.88
N ALA A 215 4.51 -18.74 13.65
CA ALA A 215 5.28 -18.10 14.71
C ALA A 215 5.63 -16.69 14.27
N LEU A 216 5.95 -15.83 15.22
CA LEU A 216 6.28 -14.43 14.94
C LEU A 216 7.34 -14.01 15.95
N PRO A 217 8.49 -13.52 15.48
CA PRO A 217 9.52 -13.11 16.45
C PRO A 217 9.11 -11.83 17.21
N THR A 218 9.24 -11.87 18.53
CA THR A 218 8.91 -10.69 19.32
C THR A 218 9.88 -9.57 19.04
N GLU A 219 11.08 -9.91 18.59
CA GLU A 219 12.04 -8.87 18.25
C GLU A 219 11.48 -7.98 17.14
N ALA A 220 10.61 -8.53 16.29
CA ALA A 220 10.03 -7.71 15.23
C ALA A 220 9.08 -6.66 15.81
N LEU A 221 8.40 -7.04 16.90
CA LEU A 221 7.44 -6.16 17.55
C LEU A 221 8.06 -5.19 18.55
N ALA A 222 9.23 -5.55 19.07
CA ALA A 222 9.90 -4.73 20.07
C ALA A 222 10.00 -3.23 19.82
N PRO A 223 10.35 -2.78 18.59
CA PRO A 223 10.46 -1.33 18.38
C PRO A 223 9.16 -0.58 18.10
N LEU A 224 8.04 -1.28 18.13
CA LEU A 224 6.77 -0.62 17.80
C LEU A 224 6.22 0.08 19.02
N ARG A 225 6.96 1.10 19.43
CA ARG A 225 6.66 1.88 20.62
C ARG A 225 5.31 2.57 20.69
N ALA A 226 4.69 2.82 19.54
CA ALA A 226 3.39 3.49 19.52
C ALA A 226 2.25 2.54 19.18
N LEU A 227 2.54 1.25 19.03
CA LEU A 227 1.51 0.31 18.61
C LEU A 227 0.29 0.29 19.52
N GLN A 228 -0.90 0.46 18.92
CA GLN A 228 -2.15 0.45 19.67
C GLN A 228 -3.17 -0.59 19.25
N TYR A 229 -3.13 -1.02 17.98
CA TYR A 229 -4.08 -1.97 17.43
C TYR A 229 -3.35 -3.04 16.66
N LEU A 230 -3.48 -4.27 17.10
CA LEU A 230 -2.75 -5.37 16.46
C LEU A 230 -3.69 -6.52 16.16
N ARG A 231 -3.75 -6.94 14.90
CA ARG A 231 -4.59 -8.08 14.54
C ARG A 231 -3.72 -9.22 14.03
N LEU A 232 -3.77 -10.32 14.77
CA LEU A 232 -2.98 -11.53 14.51
C LEU A 232 -3.87 -12.75 14.31
N ASN A 233 -5.17 -12.56 14.32
CA ASN A 233 -6.08 -13.68 14.17
C ASN A 233 -5.98 -14.33 12.81
N ASP A 234 -6.59 -15.50 12.68
CA ASP A 234 -6.62 -16.18 11.41
C ASP A 234 -5.25 -16.49 10.78
N ASN A 235 -4.40 -17.06 11.62
CA ASN A 235 -3.06 -17.57 11.27
C ASN A 235 -2.97 -18.88 12.01
N PRO A 236 -2.25 -19.86 11.46
CA PRO A 236 -2.11 -21.19 12.05
C PRO A 236 -1.03 -21.25 13.10
N TRP A 237 -1.25 -20.52 14.19
CA TRP A 237 -0.26 -20.44 15.26
C TRP A 237 0.02 -21.76 15.91
N VAL A 238 1.31 -22.05 16.11
CA VAL A 238 1.69 -23.28 16.79
C VAL A 238 2.04 -22.90 18.22
N CYS A 239 1.25 -23.41 19.15
CA CYS A 239 1.42 -23.06 20.56
C CYS A 239 2.23 -24.02 21.39
N ASP A 240 3.48 -24.17 21.03
CA ASP A 240 4.41 -25.00 21.79
C ASP A 240 5.52 -24.07 22.27
N CYS A 241 6.74 -24.58 22.41
CA CYS A 241 7.90 -23.78 22.83
C CYS A 241 8.00 -22.44 22.11
N ARG A 242 7.81 -22.48 20.80
CA ARG A 242 7.97 -21.29 19.98
C ARG A 242 7.01 -20.14 20.30
N ALA A 243 5.91 -20.44 20.98
CA ALA A 243 4.93 -19.42 21.32
C ALA A 243 5.20 -18.76 22.66
N ARG A 244 6.18 -19.27 23.41
CA ARG A 244 6.47 -18.67 24.70
C ARG A 244 6.87 -17.17 24.64
N PRO A 245 7.75 -16.80 23.71
CA PRO A 245 8.11 -15.37 23.66
C PRO A 245 6.89 -14.50 23.31
N LEU A 246 6.14 -14.90 22.28
CA LEU A 246 4.97 -14.11 21.88
C LEU A 246 3.95 -14.07 23.01
N TRP A 247 3.81 -15.17 23.73
CA TRP A 247 2.88 -15.20 24.85
C TRP A 247 3.29 -14.13 25.86
N ALA A 248 4.59 -14.05 26.16
CA ALA A 248 5.06 -13.07 27.14
C ALA A 248 4.90 -11.63 26.64
N TRP A 249 5.12 -11.42 25.34
CA TRP A 249 4.97 -10.08 24.78
C TRP A 249 3.50 -9.67 24.82
N LEU A 250 2.59 -10.62 24.59
CA LEU A 250 1.16 -10.29 24.63
C LEU A 250 0.72 -9.93 26.05
N GLN A 251 1.45 -10.44 27.04
CA GLN A 251 1.13 -10.13 28.43
C GLN A 251 1.53 -8.68 28.72
N LYS A 252 2.61 -8.24 28.09
CA LYS A 252 3.14 -6.88 28.29
C LYS A 252 2.43 -5.79 27.48
N PHE A 253 1.87 -6.16 26.32
CA PHE A 253 1.21 -5.20 25.44
C PHE A 253 0.04 -4.42 26.04
N ARG A 254 0.16 -3.10 26.03
CA ARG A 254 -0.88 -2.28 26.63
C ARG A 254 -1.96 -1.82 25.66
N GLY A 255 -1.79 -2.13 24.38
CA GLY A 255 -2.80 -1.74 23.40
C GLY A 255 -3.87 -2.78 23.19
N SER A 256 -4.55 -2.69 22.06
CA SER A 256 -5.64 -3.62 21.75
C SER A 256 -5.17 -4.66 20.75
N SER A 257 -5.43 -5.93 21.04
CA SER A 257 -5.02 -6.99 20.15
C SER A 257 -6.15 -7.94 19.97
N SER A 258 -6.13 -8.60 18.82
CA SER A 258 -7.14 -9.59 18.49
C SER A 258 -6.79 -10.87 19.23
N GLU A 259 -7.66 -11.87 19.13
CA GLU A 259 -7.33 -13.16 19.69
C GLU A 259 -6.17 -13.71 18.83
N VAL A 260 -5.41 -14.63 19.41
CA VAL A 260 -4.28 -15.27 18.72
C VAL A 260 -4.55 -16.76 18.89
N PRO A 261 -5.45 -17.31 18.08
CA PRO A 261 -5.81 -18.73 18.17
C PRO A 261 -4.79 -19.77 17.82
N CYS A 262 -4.60 -20.71 18.74
CA CYS A 262 -3.68 -21.82 18.54
C CYS A 262 -4.27 -22.84 17.58
N SER A 263 -3.48 -23.30 16.62
CA SER A 263 -3.94 -24.34 15.70
C SER A 263 -3.45 -25.70 16.14
N LEU A 264 -2.29 -25.70 16.81
CA LEU A 264 -1.66 -26.92 17.33
C LEU A 264 -1.06 -26.51 18.68
N PRO A 265 -0.93 -27.46 19.61
CA PRO A 265 -1.30 -28.88 19.56
C PRO A 265 -2.82 -29.00 19.68
N GLN A 266 -3.38 -30.18 19.40
CA GLN A 266 -4.85 -30.36 19.49
C GLN A 266 -5.37 -29.91 20.84
N ARG A 267 -4.61 -30.22 21.89
CA ARG A 267 -4.96 -29.88 23.24
C ARG A 267 -5.33 -28.40 23.38
N LEU A 268 -4.66 -27.55 22.60
CA LEU A 268 -4.89 -26.11 22.66
C LEU A 268 -5.58 -25.54 21.43
N ALA A 269 -5.97 -26.40 20.50
CA ALA A 269 -6.63 -25.92 19.28
C ALA A 269 -7.85 -25.05 19.56
N GLY A 270 -7.89 -23.88 18.94
CA GLY A 270 -9.01 -22.97 19.10
C GLY A 270 -8.87 -22.01 20.27
N ARG A 271 -7.95 -22.31 21.18
CA ARG A 271 -7.76 -21.45 22.34
C ARG A 271 -6.88 -20.23 22.02
N ASP A 272 -7.22 -19.10 22.63
CA ASP A 272 -6.49 -17.85 22.42
C ASP A 272 -5.20 -17.87 23.26
N LEU A 273 -4.07 -17.68 22.59
CA LEU A 273 -2.78 -17.69 23.28
C LEU A 273 -2.77 -16.67 24.41
N LYS A 274 -3.43 -15.55 24.19
CA LYS A 274 -3.46 -14.49 25.20
C LYS A 274 -4.07 -14.94 26.52
N ARG A 275 -5.09 -15.79 26.45
CA ARG A 275 -5.78 -16.28 27.63
C ARG A 275 -5.12 -17.48 28.31
N LEU A 276 -4.05 -18.02 27.72
CA LEU A 276 -3.38 -19.17 28.33
C LEU A 276 -2.36 -18.75 29.39
N ALA A 277 -1.94 -19.70 30.19
CA ALA A 277 -0.91 -19.48 31.20
C ALA A 277 0.32 -20.10 30.53
N ALA A 278 1.50 -19.56 30.81
CA ALA A 278 2.70 -20.12 30.21
C ALA A 278 2.83 -21.59 30.60
N ASN A 279 2.15 -21.96 31.68
CA ASN A 279 2.18 -23.34 32.18
C ASN A 279 1.52 -24.29 31.17
N ASP A 280 0.69 -23.73 30.31
CA ASP A 280 -0.03 -24.49 29.29
C ASP A 280 0.81 -24.82 28.07
N LEU A 281 1.96 -24.17 27.94
CA LEU A 281 2.81 -24.38 26.77
C LEU A 281 3.94 -25.36 27.07
N GLN A 282 4.26 -26.18 26.08
CA GLN A 282 5.36 -27.15 26.22
C GLN A 282 6.63 -26.34 26.45
N GLY A 283 7.60 -26.91 27.16
CA GLY A 283 8.80 -26.12 27.36
C GLY A 283 9.77 -26.35 26.24
N CYS A 284 10.71 -25.44 26.12
CA CYS A 284 11.74 -25.49 25.11
C CYS A 284 12.85 -26.43 25.57
C1 NAG B . -1.55 28.20 -12.77
C2 NAG B . -1.39 29.04 -14.03
C3 NAG B . -0.70 30.39 -13.79
C4 NAG B . -1.24 31.07 -12.51
C5 NAG B . -1.19 30.10 -11.31
C6 NAG B . -2.49 29.98 -10.53
C7 NAG B . -1.09 28.14 -16.26
C8 NAG B . -0.14 28.57 -17.36
N2 NAG B . -0.65 28.27 -15.01
O3 NAG B . -0.92 31.23 -14.91
O4 NAG B . -0.49 32.27 -12.16
O5 NAG B . -0.77 28.76 -11.70
O6 NAG B . -2.35 30.48 -9.22
O7 NAG B . -2.21 27.70 -16.53
C1 NDG B . -0.31 33.38 -12.99
C2 NDG B . 0.05 34.62 -12.12
C3 NDG B . -0.48 35.91 -12.75
C4 NDG B . -0.37 35.79 -14.27
C5 NDG B . -1.32 34.67 -14.77
C6 NDG B . -0.81 33.97 -16.00
C7 NDG B . 0.29 34.26 -9.74
C8 NDG B . -0.37 33.95 -8.41
O5 NDG B . -1.51 33.64 -13.74
O3 NDG B . 0.29 37.01 -12.31
O4 NDG B . -0.64 37.07 -14.92
O6 NDG B . -0.54 34.89 -17.05
O7 NDG B . 1.51 34.29 -9.83
N2 NDG B . -0.52 34.48 -10.78
C1 MAN B . -1.88 37.68 -14.79
C2 MAN B . -2.23 38.44 -16.09
C3 MAN B . -2.43 39.93 -15.84
C4 MAN B . -1.24 40.50 -15.08
C5 MAN B . -0.98 39.72 -13.78
C6 MAN B . -1.24 40.63 -12.58
O2 MAN B . -3.40 37.89 -16.68
O3 MAN B . -3.62 40.13 -15.09
O4 MAN B . -0.08 40.44 -15.90
O5 MAN B . -1.87 38.57 -13.66
O6 MAN B . -1.07 39.88 -11.35
C1 MAN B . -2.30 39.61 -10.74
C2 MAN B . -2.65 40.72 -9.72
C3 MAN B . -3.27 40.12 -8.47
C4 MAN B . -2.26 39.17 -7.81
C5 MAN B . -1.59 38.28 -8.86
C6 MAN B . -1.55 36.82 -8.44
O2 MAN B . -3.55 41.65 -10.32
O3 MAN B . -4.45 39.40 -8.81
O4 MAN B . -1.28 39.92 -7.12
O5 MAN B . -2.32 38.33 -10.10
O6 MAN B . -0.63 36.63 -7.38
C1 NAG C . 6.94 16.09 5.25
C2 NAG C . 7.04 17.22 4.22
C3 NAG C . 7.75 18.43 4.88
C4 NAG C . 7.11 18.80 6.23
C5 NAG C . 7.02 17.56 7.10
C6 NAG C . 6.38 17.77 8.46
C7 NAG C . 7.38 17.01 1.82
C8 NAG C . 8.35 16.65 0.71
N2 NAG C . 7.79 16.76 3.07
O3 NAG C . 7.72 19.55 4.01
O4 NAG C . 7.95 19.75 6.92
O5 NAG C . 6.26 16.55 6.41
O6 NAG C . 5.01 18.11 8.31
O7 NAG C . 6.28 17.50 1.56
C1 NDG C . 7.84 21.12 6.76
C2 NDG C . 8.36 21.78 8.04
C3 NDG C . 7.63 23.08 8.35
C4 NDG C . 7.25 23.77 7.05
C5 NDG C . 6.26 22.89 6.27
C6 NDG C . 6.34 23.08 4.75
C7 NDG C . 9.26 20.56 9.90
C8 NDG C . 9.15 20.87 11.39
O5 NDG C . 6.47 21.48 6.54
O3 NDG C . 8.48 23.91 9.12
O4 NDG C . 6.64 25.05 7.32
O6 NDG C . 7.64 23.45 4.34
O7 NDG C . 10.30 20.06 9.45
N2 NDG C . 8.21 20.87 9.15
C1 BMA C . 7.51 26.14 7.31
C2 BMA C . 6.90 27.28 6.47
C3 BMA C . 7.15 28.65 7.13
C4 BMA C . 8.55 28.70 7.78
C5 BMA C . 8.76 27.55 8.77
C6 BMA C . 8.79 28.01 10.21
O2 BMA C . 5.50 27.08 6.33
O3 BMA C . 6.16 28.89 8.13
O4 BMA C . 9.54 28.65 6.76
O5 BMA C . 7.71 26.56 8.66
O6 BMA C . 9.69 27.23 10.99
C ACY D . 0.63 -31.34 23.54
O ACY D . -0.57 -31.63 23.88
OXT ACY D . 1.30 -30.43 24.09
CH3 ACY D . 1.27 -32.10 22.41
C ACY E . -12.65 8.50 -27.81
O ACY E . -12.90 7.29 -27.94
OXT ACY E . -11.62 8.93 -27.23
CH3 ACY E . -13.62 9.52 -28.38
C ACY F . 9.23 -27.70 29.96
O ACY F . 9.73 -28.41 30.87
OXT ACY F . 8.40 -26.77 30.14
CH3 ACY F . 9.71 -28.07 28.60
#